data_2FJX
#
_entry.id   2FJX
#
_cell.length_a   54.749
_cell.length_b   145.45
_cell.length_c   46.855
_cell.angle_alpha   90
_cell.angle_beta   90
_cell.angle_gamma   90
#
_symmetry.space_group_name_H-M   'P 21 21 2'
#
loop_
_entity.id
_entity.type
_entity.pdbx_description
1 polymer "5'-D(*CP*TP*TP*GP*AP*AP*TP*G)-3'"
2 polymer "5'-D(P*CP*AP*TP*TP*CP*AP*AP*G)-3'"
3 polymer 'Reverse transcriptase'
4 non-polymer 2-(4-(4-CARBAMIMIDOYLPHENOXY)PHENYL)-1H-BENZO[D]IMIDAZOLE-6-CARBOXIMIDAMIDE
5 water water
#
loop_
_entity_poly.entity_id
_entity_poly.type
_entity_poly.pdbx_seq_one_letter_code
_entity_poly.pdbx_strand_id
1 'polydeoxyribonucleotide' (DC)(DT)(DT)(DG)(DA)(DA)(DT)(DG) B
2 'polydeoxyribonucleotide' (DC)(DA)(DT)(DT)(DC)(DA)(DA)(DG) G
3 'polypeptide(L)'
;TWLSDFPQAWAETGGMGLAVRQAPLIIPLKATSTPVSIKQYPMSQEARLGIKPHIQRLLDQGILVPCQSPWNTPLLPVKK
PGTNDYRPVQDLREVNKRVEDIHPTVPNPYNLLSGLPPSHQWYTVLDLKDAFFCLRLHPTSQPLFAFEWRDPEMGISGQL
TWTRLPQGFKNSPTLFDEALHRDLADFRIQHPDLILLQYVDDLLLAATSELDCQQGTRALLQTLGNLGYRASAKKAQICQ
KQVKYLGYLLKEGQR
;
A
#
loop_
_chem_comp.id
_chem_comp.type
_chem_comp.name
_chem_comp.formula
DA DNA linking 2'-DEOXYADENOSINE-5'-MONOPHOSPHATE 'C10 H14 N5 O6 P'
DC DNA linking 2'-DEOXYCYTIDINE-5'-MONOPHOSPHATE 'C9 H14 N3 O7 P'
DG DNA linking 2'-DEOXYGUANOSINE-5'-MONOPHOSPHATE 'C10 H14 N5 O7 P'
DT DNA linking THYMIDINE-5'-MONOPHOSPHATE 'C10 H15 N2 O8 P'
HXL non-polymer 2-(4-(4-CARBAMIMIDOYLPHENOXY)PHENYL)-1H-BENZO[D]IMIDAZOLE-6-CARBOXIMIDAMIDE 'C21 H18 N6 O'
#
# COMPACT_ATOMS: atom_id res chain seq x y z
N THR C 1 6.76 17.82 -17.53
CA THR C 1 5.42 18.17 -16.96
C THR C 1 4.52 16.95 -16.86
N TRP C 2 5.11 15.82 -16.45
CA TRP C 2 4.35 14.58 -16.32
C TRP C 2 3.23 14.75 -15.30
N LEU C 3 3.44 15.65 -14.34
CA LEU C 3 2.46 15.90 -13.30
C LEU C 3 1.15 16.42 -13.88
N SER C 4 1.25 17.18 -14.97
CA SER C 4 0.08 17.75 -15.62
C SER C 4 -0.53 16.83 -16.68
N ASP C 5 0.31 16.06 -17.36
CA ASP C 5 -0.17 15.14 -18.39
C ASP C 5 -0.88 13.92 -17.83
N PHE C 6 -0.60 13.59 -16.57
CA PHE C 6 -1.21 12.43 -15.93
C PHE C 6 -1.69 12.77 -14.52
N PRO C 7 -2.69 13.66 -14.42
CA PRO C 7 -3.26 14.09 -13.14
C PRO C 7 -3.81 12.96 -12.28
N GLN C 8 -4.42 11.98 -12.94
CA GLN C 8 -5.03 10.84 -12.26
C GLN C 8 -4.06 9.81 -11.69
N ALA C 9 -2.86 9.73 -12.28
CA ALA C 9 -1.87 8.76 -11.85
C ALA C 9 -1.03 9.15 -10.63
N TRP C 10 -1.01 10.43 -10.29
CA TRP C 10 -0.21 10.90 -9.16
C TRP C 10 -1.01 11.08 -7.88
N ALA C 11 -0.41 10.69 -6.77
CA ALA C 11 -1.05 10.81 -5.46
C ALA C 11 -1.32 12.28 -5.13
N GLU C 12 -0.44 13.15 -5.60
CA GLU C 12 -0.56 14.59 -5.34
C GLU C 12 -1.69 15.29 -6.09
N THR C 13 -2.26 14.63 -7.08
CA THR C 13 -3.34 15.25 -7.85
C THR C 13 -4.53 14.35 -8.15
N GLY C 14 -4.36 13.05 -8.02
CA GLY C 14 -5.45 12.14 -8.30
C GLY C 14 -6.30 11.74 -7.11
N GLY C 15 -5.86 12.13 -5.92
CA GLY C 15 -6.60 11.78 -4.72
C GLY C 15 -6.29 10.36 -4.28
N MET C 16 -6.91 9.92 -3.19
CA MET C 16 -6.71 8.58 -2.66
C MET C 16 -7.13 7.54 -3.72
N GLY C 17 -6.31 6.51 -3.88
CA GLY C 17 -6.63 5.48 -4.85
C GLY C 17 -7.69 4.49 -4.40
N LEU C 18 -8.05 3.60 -5.32
CA LEU C 18 -9.03 2.55 -5.09
C LEU C 18 -8.94 1.66 -6.32
N ALA C 19 -8.49 0.41 -6.13
CA ALA C 19 -8.34 -0.54 -7.23
C ALA C 19 -9.73 -1.03 -7.66
N VAL C 20 -10.32 -0.33 -8.62
CA VAL C 20 -11.67 -0.63 -9.10
C VAL C 20 -11.91 -1.98 -9.75
N ARG C 21 -10.86 -2.60 -10.27
CA ARG C 21 -10.99 -3.89 -10.94
C ARG C 21 -10.86 -5.07 -9.96
N GLN C 22 -10.40 -4.79 -8.74
CA GLN C 22 -10.21 -5.85 -7.75
C GLN C 22 -11.38 -6.05 -6.82
N ALA C 23 -11.89 -7.28 -6.78
CA ALA C 23 -13.01 -7.59 -5.90
C ALA C 23 -12.59 -7.43 -4.43
N PRO C 24 -13.51 -6.95 -3.57
CA PRO C 24 -13.21 -6.78 -2.15
C PRO C 24 -12.63 -8.08 -1.62
N LEU C 25 -11.51 -8.00 -0.92
CA LEU C 25 -10.83 -9.17 -0.39
C LEU C 25 -11.48 -9.84 0.80
N ILE C 26 -11.59 -11.17 0.74
CA ILE C 26 -12.13 -11.95 1.85
C ILE C 26 -10.91 -12.60 2.49
N ILE C 27 -10.78 -12.47 3.80
CA ILE C 27 -9.63 -13.00 4.55
C ILE C 27 -10.01 -14.27 5.31
N PRO C 28 -9.62 -15.45 4.79
CA PRO C 28 -9.96 -16.70 5.48
C PRO C 28 -9.24 -16.91 6.81
N LEU C 29 -9.99 -17.34 7.82
CA LEU C 29 -9.42 -17.60 9.14
C LEU C 29 -9.02 -19.07 9.22
N LYS C 30 -8.13 -19.38 10.15
CA LYS C 30 -7.70 -20.76 10.38
C LYS C 30 -8.93 -21.50 10.88
N ALA C 31 -8.95 -22.81 10.65
CA ALA C 31 -10.07 -23.66 11.02
C ALA C 31 -10.62 -23.55 12.43
N THR C 32 -9.75 -23.33 13.42
CA THR C 32 -10.20 -23.25 14.81
C THR C 32 -10.26 -21.85 15.42
N SER C 33 -10.04 -20.81 14.62
CA SER C 33 -10.05 -19.46 15.14
C SER C 33 -11.38 -18.92 15.68
N THR C 34 -11.28 -18.18 16.78
CA THR C 34 -12.43 -17.55 17.42
C THR C 34 -11.97 -16.11 17.65
N PRO C 35 -12.89 -15.13 17.61
CA PRO C 35 -12.48 -13.74 17.82
C PRO C 35 -11.74 -13.52 19.13
N VAL C 36 -10.80 -12.57 19.11
CA VAL C 36 -10.05 -12.21 20.30
C VAL C 36 -10.24 -10.70 20.45
N SER C 37 -10.50 -10.26 21.68
CA SER C 37 -10.70 -8.85 21.95
C SER C 37 -9.69 -8.40 22.99
N ILE C 38 -8.66 -7.70 22.53
CA ILE C 38 -7.61 -7.22 23.40
C ILE C 38 -7.95 -5.80 23.86
N LYS C 39 -7.86 -5.59 25.17
CA LYS C 39 -8.16 -4.29 25.74
C LYS C 39 -7.17 -3.25 25.24
N GLN C 40 -7.66 -2.04 25.01
CA GLN C 40 -6.82 -0.95 24.55
C GLN C 40 -6.12 -0.31 25.76
N TYR C 41 -4.80 -0.28 25.75
N TYR C 41 -4.80 -0.24 25.72
CA TYR C 41 -4.10 0.34 26.88
CA TYR C 41 -4.06 0.36 26.82
C TYR C 41 -4.40 1.82 26.83
C TYR C 41 -4.35 1.86 26.81
N PRO C 42 -4.59 2.45 28.00
CA PRO C 42 -4.88 3.87 28.08
C PRO C 42 -3.86 4.66 27.28
N MET C 43 -4.34 5.63 26.52
CA MET C 43 -3.46 6.45 25.71
C MET C 43 -3.44 7.85 26.29
N SER C 44 -2.25 8.44 26.38
CA SER C 44 -2.11 9.79 26.93
C SER C 44 -2.80 10.77 26.01
N GLN C 45 -3.09 11.96 26.53
CA GLN C 45 -3.74 12.96 25.70
C GLN C 45 -2.80 13.36 24.57
N GLU C 46 -1.51 13.46 24.89
CA GLU C 46 -0.51 13.83 23.90
C GLU C 46 -0.57 12.88 22.69
N ALA C 47 -0.61 11.60 22.96
CA ALA C 47 -0.66 10.61 21.89
C ALA C 47 -1.98 10.70 21.13
N ARG C 48 -3.08 10.81 21.85
CA ARG C 48 -4.39 10.90 21.22
C ARG C 48 -4.54 12.13 20.32
N LEU C 49 -4.02 13.26 20.76
CA LEU C 49 -4.08 14.48 19.96
C LEU C 49 -3.19 14.33 18.73
N GLY C 50 -2.10 13.60 18.90
CA GLY C 50 -1.19 13.39 17.78
C GLY C 50 -1.78 12.46 16.74
N ILE C 51 -2.57 11.48 17.20
CA ILE C 51 -3.20 10.51 16.32
C ILE C 51 -4.49 10.98 15.67
N LYS C 52 -5.28 11.76 16.41
CA LYS C 52 -6.58 12.25 15.96
C LYS C 52 -6.70 12.74 14.51
N PRO C 53 -5.80 13.62 14.06
CA PRO C 53 -5.89 14.14 12.68
C PRO C 53 -5.84 13.01 11.64
N HIS C 54 -5.00 12.01 11.90
CA HIS C 54 -4.88 10.89 10.97
C HIS C 54 -6.18 10.09 10.95
N ILE C 55 -6.75 9.85 12.12
CA ILE C 55 -7.99 9.09 12.21
C ILE C 55 -9.13 9.84 11.50
N GLN C 56 -9.21 11.15 11.70
CA GLN C 56 -10.28 11.92 11.06
C GLN C 56 -10.15 11.88 9.55
N ARG C 57 -8.92 12.00 9.05
CA ARG C 57 -8.67 11.97 7.62
C ARG C 57 -9.12 10.64 7.02
N LEU C 58 -8.78 9.55 7.70
CA LEU C 58 -9.16 8.21 7.23
C LEU C 58 -10.68 8.03 7.27
N LEU C 59 -11.33 8.62 8.27
CA LEU C 59 -12.78 8.54 8.37
C LEU C 59 -13.41 9.32 7.22
N ASP C 60 -12.87 10.51 6.96
CA ASP C 60 -13.40 11.34 5.87
C ASP C 60 -13.19 10.65 4.52
N GLN C 61 -12.12 9.85 4.42
CA GLN C 61 -11.79 9.14 3.19
C GLN C 61 -12.55 7.83 3.05
N GLY C 62 -13.26 7.43 4.11
CA GLY C 62 -14.01 6.20 4.08
C GLY C 62 -13.16 4.96 4.28
N ILE C 63 -11.89 5.18 4.61
CA ILE C 63 -10.95 4.08 4.82
C ILE C 63 -11.21 3.46 6.20
N LEU C 64 -11.64 4.30 7.14
CA LEU C 64 -12.01 3.83 8.49
C LEU C 64 -13.52 4.08 8.60
N VAL C 65 -14.22 3.18 9.28
CA VAL C 65 -15.66 3.32 9.49
C VAL C 65 -16.02 2.80 10.87
N PRO C 66 -17.08 3.35 11.49
CA PRO C 66 -17.50 2.91 12.81
C PRO C 66 -17.95 1.45 12.73
N CYS C 67 -17.81 0.72 13.83
CA CYS C 67 -18.26 -0.66 13.84
C CYS C 67 -18.39 -1.21 15.25
N GLN C 68 -19.03 -2.36 15.34
CA GLN C 68 -19.22 -3.08 16.59
C GLN C 68 -18.71 -4.46 16.22
N SER C 69 -17.59 -4.87 16.79
CA SER C 69 -17.00 -6.17 16.47
C SER C 69 -16.48 -6.97 17.65
N PRO C 70 -16.53 -8.31 17.55
CA PRO C 70 -16.07 -9.24 18.58
C PRO C 70 -14.55 -9.22 18.63
N TRP C 71 -13.96 -8.66 17.57
CA TRP C 71 -12.51 -8.57 17.47
C TRP C 71 -12.04 -7.19 17.90
N ASN C 72 -10.88 -7.12 18.53
CA ASN C 72 -10.32 -5.83 18.90
C ASN C 72 -8.82 -5.96 19.18
N THR C 73 -8.04 -5.10 18.56
CA THR C 73 -6.61 -5.10 18.80
C THR C 73 -6.20 -3.68 19.15
N PRO C 74 -5.12 -3.55 19.94
CA PRO C 74 -4.60 -2.27 20.41
C PRO C 74 -3.96 -1.36 19.37
N LEU C 75 -4.17 -0.07 19.57
CA LEU C 75 -3.58 0.96 18.71
C LEU C 75 -2.40 1.47 19.53
N LEU C 76 -1.30 1.78 18.86
CA LEU C 76 -0.12 2.30 19.55
C LEU C 76 0.32 3.64 18.99
N PRO C 77 0.81 4.53 19.87
CA PRO C 77 1.28 5.85 19.46
C PRO C 77 2.78 5.76 19.14
N VAL C 78 3.14 5.94 17.87
CA VAL C 78 4.53 5.86 17.47
C VAL C 78 5.07 7.17 16.89
N LYS C 79 6.16 7.65 17.46
CA LYS C 79 6.80 8.89 17.01
C LYS C 79 8.25 8.58 16.62
N LYS C 80 8.97 9.57 16.10
CA LYS C 80 10.36 9.35 15.71
C LYS C 80 11.32 10.47 16.14
N PRO C 81 11.28 11.65 15.49
CA PRO C 81 12.19 12.72 15.89
C PRO C 81 12.05 13.08 17.37
N GLY C 82 11.18 14.03 17.66
CA GLY C 82 10.95 14.44 19.03
C GLY C 82 9.64 13.87 19.54
N THR C 83 9.15 14.41 20.66
CA THR C 83 7.90 13.93 21.23
C THR C 83 6.72 14.33 20.35
N ASN C 84 7.01 14.67 19.09
CA ASN C 84 6.00 15.06 18.14
C ASN C 84 5.78 14.02 17.06
N ASP C 85 5.20 14.45 15.94
CA ASP C 85 4.92 13.58 14.80
C ASP C 85 4.48 12.17 15.17
N TYR C 86 3.20 12.01 15.46
CA TYR C 86 2.64 10.71 15.80
C TYR C 86 1.98 10.10 14.58
N ARG C 87 1.59 8.83 14.71
CA ARG C 87 0.93 8.11 13.63
C ARG C 87 0.44 6.79 14.22
N PRO C 88 -0.83 6.43 13.96
CA PRO C 88 -1.43 5.19 14.47
C PRO C 88 -0.76 3.92 13.97
N VAL C 89 -0.41 3.03 14.89
CA VAL C 89 0.18 1.75 14.56
C VAL C 89 -0.60 0.72 15.35
N GLN C 90 -1.26 -0.17 14.62
CA GLN C 90 -2.08 -1.19 15.24
C GLN C 90 -1.29 -2.49 15.42
N ASP C 91 -1.43 -3.10 16.59
CA ASP C 91 -0.73 -4.36 16.86
C ASP C 91 -1.67 -5.48 16.46
N LEU C 92 -1.52 -5.97 15.23
CA LEU C 92 -2.38 -7.03 14.70
C LEU C 92 -1.83 -8.45 14.89
N ARG C 93 -0.82 -8.60 15.74
CA ARG C 93 -0.26 -9.92 15.93
C ARG C 93 -1.25 -11.01 16.33
N GLU C 94 -2.18 -10.70 17.23
CA GLU C 94 -3.15 -11.71 17.66
C GLU C 94 -4.14 -12.04 16.55
N VAL C 95 -4.33 -11.09 15.63
CA VAL C 95 -5.22 -11.34 14.49
C VAL C 95 -4.42 -12.17 13.48
N ASN C 96 -3.18 -11.77 13.23
CA ASN C 96 -2.34 -12.50 12.27
C ASN C 96 -2.26 -13.98 12.63
N LYS C 97 -2.14 -14.29 13.91
CA LYS C 97 -2.06 -15.69 14.38
C LYS C 97 -3.31 -16.49 14.05
N ARG C 98 -4.44 -15.82 13.91
CA ARG C 98 -5.69 -16.54 13.66
C ARG C 98 -6.13 -16.59 12.19
N VAL C 99 -5.35 -15.95 11.33
CA VAL C 99 -5.64 -15.92 9.90
C VAL C 99 -4.87 -17.02 9.17
N GLU C 100 -5.54 -17.73 8.27
CA GLU C 100 -4.90 -18.82 7.52
C GLU C 100 -3.71 -18.28 6.73
N ASP C 101 -2.61 -19.03 6.72
CA ASP C 101 -1.42 -18.60 5.98
C ASP C 101 -1.59 -18.76 4.48
N ILE C 102 -0.90 -17.93 3.71
CA ILE C 102 -0.94 -18.04 2.26
C ILE C 102 0.52 -18.19 1.82
N HIS C 103 0.75 -18.73 0.64
CA HIS C 103 2.12 -18.90 0.16
C HIS C 103 2.76 -17.53 -0.13
N PRO C 104 4.01 -17.31 0.33
CA PRO C 104 4.71 -16.03 0.11
C PRO C 104 5.18 -15.97 -1.34
N THR C 105 4.49 -15.19 -2.18
CA THR C 105 4.85 -15.11 -3.58
C THR C 105 5.70 -13.91 -4.00
N VAL C 106 5.93 -12.98 -3.09
CA VAL C 106 6.74 -11.81 -3.41
C VAL C 106 8.19 -12.26 -3.50
N PRO C 107 8.84 -12.03 -4.65
CA PRO C 107 10.25 -12.42 -4.83
C PRO C 107 11.15 -11.57 -3.95
N ASN C 108 12.32 -12.09 -3.57
CA ASN C 108 13.21 -11.24 -2.78
C ASN C 108 13.88 -10.32 -3.81
N PRO C 109 14.19 -9.08 -3.41
CA PRO C 109 14.83 -8.13 -4.32
C PRO C 109 15.98 -8.69 -5.16
N TYR C 110 16.84 -9.50 -4.55
CA TYR C 110 17.98 -10.06 -5.28
C TYR C 110 17.53 -10.84 -6.52
N ASN C 111 16.59 -11.77 -6.34
CA ASN C 111 16.12 -12.56 -7.46
C ASN C 111 15.31 -11.73 -8.46
N LEU C 112 14.55 -10.76 -7.97
CA LEU C 112 13.76 -9.91 -8.86
C LEU C 112 14.66 -9.14 -9.82
N LEU C 113 15.76 -8.62 -9.32
CA LEU C 113 16.70 -7.85 -10.14
C LEU C 113 17.45 -8.68 -11.17
N SER C 114 17.45 -9.99 -11.02
CA SER C 114 18.14 -10.86 -11.97
C SER C 114 17.41 -10.85 -13.31
N GLY C 115 16.18 -10.36 -13.30
CA GLY C 115 15.39 -10.31 -14.52
C GLY C 115 15.51 -8.99 -15.26
N LEU C 116 16.60 -8.27 -15.03
CA LEU C 116 16.83 -6.99 -15.69
C LEU C 116 17.99 -7.12 -16.66
N PRO C 117 17.70 -7.16 -17.98
CA PRO C 117 18.73 -7.28 -19.03
C PRO C 117 19.60 -6.04 -19.18
N PRO C 118 20.88 -6.24 -19.57
CA PRO C 118 21.81 -5.13 -19.76
C PRO C 118 21.37 -4.24 -20.92
N SER C 119 20.57 -4.83 -21.81
CA SER C 119 20.05 -4.13 -22.98
C SER C 119 19.11 -2.98 -22.62
N HIS C 120 18.48 -3.08 -21.45
CA HIS C 120 17.56 -2.05 -20.99
C HIS C 120 18.23 -1.22 -19.90
N GLN C 121 18.74 -0.04 -20.27
CA GLN C 121 19.41 0.82 -19.30
C GLN C 121 18.71 2.14 -19.03
N TRP C 122 17.54 2.34 -19.63
CA TRP C 122 16.77 3.55 -19.40
C TRP C 122 15.70 3.18 -18.37
N TYR C 123 15.89 3.68 -17.15
CA TYR C 123 14.98 3.34 -16.06
C TYR C 123 13.98 4.40 -15.60
N THR C 124 12.91 3.91 -14.99
CA THR C 124 11.85 4.74 -14.44
C THR C 124 11.41 4.01 -13.18
N VAL C 125 11.47 4.71 -12.05
CA VAL C 125 11.07 4.11 -10.79
C VAL C 125 9.91 4.87 -10.17
N LEU C 126 8.85 4.13 -9.86
CA LEU C 126 7.66 4.71 -9.25
C LEU C 126 7.31 3.91 -8.01
N ASP C 127 6.87 4.59 -6.96
CA ASP C 127 6.43 3.90 -5.75
C ASP C 127 4.98 4.31 -5.59
N LEU C 128 4.11 3.33 -5.34
CA LEU C 128 2.70 3.60 -5.19
C LEU C 128 2.39 4.05 -3.77
N LYS C 129 1.68 5.17 -3.67
CA LYS C 129 1.31 5.76 -2.39
C LYS C 129 0.10 5.06 -1.77
N ASP C 130 0.20 4.78 -0.48
CA ASP C 130 -0.89 4.14 0.27
C ASP C 130 -1.42 2.97 -0.53
N ALA C 131 -0.50 2.14 -1.01
CA ALA C 131 -0.85 0.98 -1.82
C ALA C 131 -1.90 0.05 -1.22
N PHE C 132 -1.68 -0.42 0.01
CA PHE C 132 -2.64 -1.35 0.60
C PHE C 132 -4.05 -0.76 0.66
N PHE C 133 -4.16 0.51 1.00
CA PHE C 133 -5.46 1.15 1.10
C PHE C 133 -6.23 1.17 -0.22
N CYS C 134 -5.56 0.91 -1.34
CA CYS C 134 -6.24 0.90 -2.62
C CYS C 134 -7.08 -0.37 -2.79
N LEU C 135 -6.77 -1.40 -2.00
CA LEU C 135 -7.51 -2.66 -2.08
C LEU C 135 -8.63 -2.75 -1.05
N ARG C 136 -9.87 -2.85 -1.52
CA ARG C 136 -11.00 -2.96 -0.63
C ARG C 136 -11.04 -4.30 0.10
N LEU C 137 -11.58 -4.27 1.31
CA LEU C 137 -11.77 -5.47 2.13
C LEU C 137 -13.27 -5.78 2.05
N HIS C 138 -13.61 -7.05 1.86
CA HIS C 138 -15.02 -7.44 1.81
C HIS C 138 -15.61 -7.12 3.18
N PRO C 139 -16.88 -6.67 3.23
CA PRO C 139 -17.53 -6.34 4.51
C PRO C 139 -17.46 -7.46 5.54
N THR C 140 -17.46 -8.71 5.08
CA THR C 140 -17.42 -9.84 6.00
C THR C 140 -16.08 -9.94 6.75
N SER C 141 -15.03 -9.41 6.13
CA SER C 141 -13.69 -9.47 6.72
C SER C 141 -13.29 -8.21 7.49
N GLN C 142 -14.04 -7.13 7.29
CA GLN C 142 -13.72 -5.87 7.95
C GLN C 142 -13.70 -5.91 9.49
N PRO C 143 -14.65 -6.61 10.11
CA PRO C 143 -14.69 -6.69 11.58
C PRO C 143 -13.42 -7.25 12.24
N LEU C 144 -12.68 -8.05 11.49
CA LEU C 144 -11.47 -8.66 11.99
C LEU C 144 -10.41 -7.65 12.47
N PHE C 145 -10.36 -6.48 11.83
CA PHE C 145 -9.33 -5.49 12.13
C PHE C 145 -9.75 -4.30 12.98
N ALA C 146 -10.81 -4.46 13.76
CA ALA C 146 -11.34 -3.39 14.59
C ALA C 146 -10.44 -3.00 15.75
N PHE C 147 -10.54 -1.73 16.15
CA PHE C 147 -9.79 -1.20 17.28
C PHE C 147 -10.67 -0.14 17.93
N GLU C 148 -10.32 0.25 19.15
CA GLU C 148 -11.10 1.23 19.88
C GLU C 148 -10.61 2.65 19.64
N TRP C 149 -11.54 3.60 19.55
CA TRP C 149 -11.14 4.99 19.38
C TRP C 149 -11.99 5.89 20.27
N ARG C 150 -11.32 6.70 21.07
CA ARG C 150 -11.97 7.63 21.99
C ARG C 150 -11.39 9.02 21.74
N ASP C 151 -12.25 10.03 21.73
CA ASP C 151 -11.80 11.40 21.53
C ASP C 151 -11.38 11.96 22.89
N PRO C 152 -10.40 12.89 22.89
CA PRO C 152 -9.88 13.51 24.12
C PRO C 152 -10.95 14.05 25.09
N GLU C 153 -12.22 13.75 24.81
CA GLU C 153 -13.31 14.20 25.66
C GLU C 153 -14.66 13.60 25.26
N MET C 154 -14.89 13.44 23.96
CA MET C 154 -16.14 12.89 23.47
C MET C 154 -16.08 12.59 21.96
N GLY C 155 -15.98 11.30 21.64
CA GLY C 155 -15.90 10.90 20.24
C GLY C 155 -16.78 9.72 19.90
N ILE C 156 -16.62 9.23 18.67
CA ILE C 156 -17.39 8.10 18.15
C ILE C 156 -17.71 7.06 19.22
N SER C 157 -18.84 6.36 19.04
CA SER C 157 -19.30 5.34 19.98
C SER C 157 -18.18 4.52 20.64
N GLY C 158 -17.51 3.68 19.85
CA GLY C 158 -16.46 2.86 20.43
C GLY C 158 -15.39 2.38 19.47
N GLN C 159 -15.73 1.40 18.63
CA GLN C 159 -14.76 0.83 17.70
C GLN C 159 -14.81 1.38 16.29
N LEU C 160 -13.67 1.26 15.60
CA LEU C 160 -13.56 1.66 14.20
C LEU C 160 -12.87 0.50 13.50
N THR C 161 -13.08 0.37 12.20
CA THR C 161 -12.36 -0.68 11.49
C THR C 161 -12.04 -0.21 10.08
N TRP C 162 -11.18 -0.97 9.42
CA TRP C 162 -10.71 -0.66 8.08
C TRP C 162 -11.59 -1.22 6.97
N THR C 163 -11.75 -0.46 5.89
CA THR C 163 -12.55 -0.94 4.77
C THR C 163 -11.60 -1.30 3.65
N ARG C 164 -10.31 -1.15 3.91
CA ARG C 164 -9.25 -1.47 2.94
C ARG C 164 -8.19 -2.35 3.61
N LEU C 165 -7.33 -2.98 2.81
CA LEU C 165 -6.26 -3.83 3.31
C LEU C 165 -5.43 -3.00 4.28
N PRO C 166 -5.34 -3.43 5.56
CA PRO C 166 -4.57 -2.66 6.55
C PRO C 166 -3.09 -2.92 6.73
N GLN C 167 -2.40 -1.92 7.25
CA GLN C 167 -0.98 -2.02 7.55
C GLN C 167 -0.91 -2.95 8.76
N GLY C 168 0.20 -3.67 8.91
CA GLY C 168 0.34 -4.55 10.06
C GLY C 168 -0.25 -5.94 9.90
N PHE C 169 -1.01 -6.16 8.83
CA PHE C 169 -1.62 -7.47 8.57
C PHE C 169 -0.59 -8.29 7.80
N LYS C 170 -0.31 -9.50 8.30
CA LYS C 170 0.72 -10.35 7.73
C LYS C 170 0.63 -10.65 6.24
N ASN C 171 -0.57 -10.69 5.69
CA ASN C 171 -0.71 -10.99 4.28
C ASN C 171 -0.88 -9.79 3.34
N SER C 172 -0.82 -8.58 3.86
CA SER C 172 -1.02 -7.43 2.99
C SER C 172 -0.01 -7.31 1.84
N PRO C 173 1.29 -7.45 2.12
CA PRO C 173 2.26 -7.34 1.01
C PRO C 173 2.01 -8.32 -0.12
N THR C 174 1.81 -9.58 0.24
CA THR C 174 1.57 -10.63 -0.75
C THR C 174 0.28 -10.41 -1.53
N LEU C 175 -0.81 -10.10 -0.82
CA LEU C 175 -2.09 -9.88 -1.48
C LEU C 175 -2.01 -8.66 -2.38
N PHE C 176 -1.30 -7.63 -1.96
CA PHE C 176 -1.20 -6.47 -2.83
C PHE C 176 -0.38 -6.82 -4.07
N ASP C 177 0.78 -7.45 -3.88
CA ASP C 177 1.65 -7.79 -5.00
C ASP C 177 0.87 -8.65 -6.01
N GLU C 178 0.10 -9.61 -5.52
CA GLU C 178 -0.67 -10.47 -6.41
C GLU C 178 -1.76 -9.69 -7.13
N ALA C 179 -2.39 -8.75 -6.42
CA ALA C 179 -3.45 -7.97 -7.05
C ALA C 179 -2.92 -7.08 -8.17
N LEU C 180 -1.80 -6.40 -7.92
CA LEU C 180 -1.25 -5.52 -8.93
C LEU C 180 -0.76 -6.33 -10.13
N HIS C 181 -0.26 -7.54 -9.90
CA HIS C 181 0.19 -8.37 -11.01
C HIS C 181 -1.00 -8.68 -11.92
N ARG C 182 -2.15 -8.96 -11.32
CA ARG C 182 -3.34 -9.24 -12.11
C ARG C 182 -3.73 -7.99 -12.92
N ASP C 183 -3.69 -6.83 -12.26
CA ASP C 183 -4.06 -5.59 -12.94
C ASP C 183 -3.08 -5.11 -14.00
N LEU C 184 -1.82 -5.51 -13.90
CA LEU C 184 -0.83 -5.06 -14.88
C LEU C 184 -0.47 -6.12 -15.92
N ALA C 185 -1.16 -7.24 -15.88
CA ALA C 185 -0.91 -8.32 -16.82
C ALA C 185 -1.10 -7.87 -18.27
N ASP C 186 -2.17 -7.13 -18.55
CA ASP C 186 -2.41 -6.66 -19.91
C ASP C 186 -1.34 -5.68 -20.37
N PHE C 187 -0.94 -4.78 -19.48
CA PHE C 187 0.09 -3.80 -19.80
C PHE C 187 1.34 -4.53 -20.27
N ARG C 188 1.70 -5.61 -19.57
CA ARG C 188 2.89 -6.38 -19.95
C ARG C 188 2.73 -6.93 -21.36
N ILE C 189 1.55 -7.46 -21.65
CA ILE C 189 1.26 -8.03 -22.97
C ILE C 189 1.27 -6.98 -24.07
N GLN C 190 0.83 -5.76 -23.76
CA GLN C 190 0.79 -4.68 -24.75
C GLN C 190 2.15 -4.01 -24.95
N HIS C 191 3.11 -4.34 -24.09
CA HIS C 191 4.46 -3.76 -24.19
C HIS C 191 5.51 -4.84 -24.01
N PRO C 192 5.62 -5.76 -24.98
CA PRO C 192 6.57 -6.88 -25.00
C PRO C 192 8.03 -6.47 -24.82
N ASP C 193 8.41 -5.33 -25.38
CA ASP C 193 9.78 -4.85 -25.32
C ASP C 193 10.16 -4.19 -24.00
N LEU C 194 9.18 -3.94 -23.13
CA LEU C 194 9.46 -3.31 -21.85
C LEU C 194 9.68 -4.31 -20.73
N ILE C 195 10.53 -3.94 -19.78
CA ILE C 195 10.82 -4.76 -18.61
C ILE C 195 10.14 -4.09 -17.43
N LEU C 196 9.28 -4.82 -16.73
CA LEU C 196 8.59 -4.27 -15.58
C LEU C 196 8.82 -5.16 -14.36
N LEU C 197 9.43 -4.59 -13.33
CA LEU C 197 9.70 -5.32 -12.10
C LEU C 197 8.76 -4.78 -11.04
N GLN C 198 8.11 -5.69 -10.30
CA GLN C 198 7.20 -5.28 -9.25
C GLN C 198 7.61 -5.89 -7.92
N TYR C 199 7.71 -5.05 -6.89
CA TYR C 199 8.05 -5.51 -5.55
C TYR C 199 7.03 -4.79 -4.68
N VAL C 200 5.85 -5.40 -4.58
CA VAL C 200 4.74 -4.84 -3.81
C VAL C 200 4.38 -3.47 -4.40
N ASP C 201 4.74 -2.38 -3.72
CA ASP C 201 4.43 -1.04 -4.21
C ASP C 201 5.57 -0.30 -4.91
N ASP C 202 6.68 -1.00 -5.14
CA ASP C 202 7.85 -0.39 -5.79
C ASP C 202 8.00 -0.94 -7.21
N LEU C 203 7.84 -0.07 -8.19
CA LEU C 203 7.92 -0.48 -9.59
C LEU C 203 9.13 0.04 -10.34
N LEU C 204 9.69 -0.80 -11.20
CA LEU C 204 10.84 -0.44 -12.03
C LEU C 204 10.50 -0.76 -13.48
N LEU C 205 10.51 0.26 -14.32
CA LEU C 205 10.24 0.06 -15.74
C LEU C 205 11.58 0.24 -16.45
N ALA C 206 11.90 -0.67 -17.38
CA ALA C 206 13.15 -0.59 -18.11
C ALA C 206 12.92 -0.67 -19.61
N ALA C 207 13.57 0.22 -20.35
CA ALA C 207 13.43 0.27 -21.80
C ALA C 207 14.81 0.32 -22.47
N THR C 208 14.84 0.05 -23.76
CA THR C 208 16.08 0.04 -24.53
C THR C 208 16.59 1.45 -24.81
N SER C 209 15.67 2.39 -25.03
CA SER C 209 16.03 3.77 -25.33
C SER C 209 15.26 4.76 -24.46
N GLU C 210 15.63 6.04 -24.57
CA GLU C 210 14.99 7.09 -23.81
C GLU C 210 13.56 7.32 -24.31
N LEU C 211 13.36 7.12 -25.61
CA LEU C 211 12.05 7.29 -26.20
C LEU C 211 11.09 6.22 -25.72
N ASP C 212 11.51 4.96 -25.80
CA ASP C 212 10.67 3.85 -25.37
C ASP C 212 10.37 3.96 -23.87
N CYS C 213 11.27 4.59 -23.13
CA CYS C 213 11.08 4.76 -21.70
C CYS C 213 10.04 5.83 -21.44
N GLN C 214 10.10 6.93 -22.18
CA GLN C 214 9.14 8.00 -22.01
C GLN C 214 7.77 7.51 -22.49
N GLN C 215 7.76 6.76 -23.59
CA GLN C 215 6.52 6.23 -24.13
C GLN C 215 5.96 5.22 -23.13
N GLY C 216 6.82 4.33 -22.65
CA GLY C 216 6.40 3.33 -21.70
C GLY C 216 5.90 3.92 -20.39
N THR C 217 6.64 4.89 -19.86
CA THR C 217 6.26 5.55 -18.62
C THR C 217 4.89 6.21 -18.77
N ARG C 218 4.70 6.91 -19.89
CA ARG C 218 3.41 7.57 -20.13
C ARG C 218 2.28 6.55 -20.07
N ALA C 219 2.46 5.42 -20.74
CA ALA C 219 1.44 4.36 -20.77
C ALA C 219 1.24 3.71 -19.40
N LEU C 220 2.33 3.51 -18.66
CA LEU C 220 2.21 2.89 -17.34
C LEU C 220 1.46 3.81 -16.41
N LEU C 221 1.83 5.09 -16.41
CA LEU C 221 1.16 6.07 -15.56
C LEU C 221 -0.32 6.15 -15.92
N GLN C 222 -0.62 6.14 -17.22
CA GLN C 222 -2.02 6.20 -17.64
C GLN C 222 -2.77 4.96 -17.16
N THR C 223 -2.13 3.81 -17.28
CA THR C 223 -2.75 2.55 -16.87
C THR C 223 -2.99 2.49 -15.36
N LEU C 224 -1.96 2.84 -14.58
CA LEU C 224 -2.07 2.83 -13.12
C LEU C 224 -3.19 3.75 -12.65
N GLY C 225 -3.20 4.98 -13.18
CA GLY C 225 -4.23 5.93 -12.81
C GLY C 225 -5.62 5.39 -13.10
N ASN C 226 -5.79 4.85 -14.30
CA ASN C 226 -7.06 4.29 -14.73
C ASN C 226 -7.50 3.12 -13.86
N LEU C 227 -6.53 2.33 -13.38
CA LEU C 227 -6.83 1.18 -12.54
C LEU C 227 -7.18 1.59 -11.11
N GLY C 228 -6.79 2.80 -10.72
CA GLY C 228 -7.08 3.27 -9.38
C GLY C 228 -5.91 3.38 -8.44
N TYR C 229 -4.70 3.16 -8.95
CA TYR C 229 -3.51 3.25 -8.13
C TYR C 229 -2.93 4.67 -8.24
N ARG C 230 -2.05 5.02 -7.32
CA ARG C 230 -1.46 6.36 -7.32
C ARG C 230 0.02 6.30 -7.00
N ALA C 231 0.83 6.95 -7.83
CA ALA C 231 2.27 6.97 -7.61
C ALA C 231 2.71 8.29 -7.01
N SER C 232 3.86 8.29 -6.35
CA SER C 232 4.40 9.50 -5.74
C SER C 232 5.15 10.34 -6.75
N ALA C 233 4.61 11.50 -7.09
CA ALA C 233 5.25 12.38 -8.05
C ALA C 233 6.55 12.89 -7.44
N LYS C 234 6.51 13.16 -6.14
CA LYS C 234 7.67 13.66 -5.40
C LYS C 234 8.89 12.74 -5.48
N LYS C 235 8.66 11.45 -5.27
CA LYS C 235 9.76 10.47 -5.29
C LYS C 235 10.02 9.86 -6.66
N ALA C 236 9.13 10.09 -7.61
CA ALA C 236 9.27 9.53 -8.94
C ALA C 236 10.60 9.84 -9.62
N GLN C 237 11.17 8.81 -10.26
CA GLN C 237 12.43 8.94 -10.99
C GLN C 237 12.08 8.53 -12.41
N ILE C 238 11.79 9.52 -13.26
CA ILE C 238 11.40 9.25 -14.63
C ILE C 238 12.53 9.26 -15.66
N CYS C 239 12.51 8.26 -16.52
CA CYS C 239 13.50 8.09 -17.59
C CYS C 239 14.88 8.60 -17.20
N GLN C 240 15.55 7.84 -16.33
CA GLN C 240 16.88 8.19 -15.87
C GLN C 240 17.86 7.09 -16.24
N LYS C 241 19.12 7.45 -16.41
CA LYS C 241 20.16 6.49 -16.74
C LYS C 241 20.63 5.85 -15.45
N GLN C 242 20.29 6.50 -14.35
CA GLN C 242 20.67 6.04 -13.02
C GLN C 242 19.49 6.23 -12.06
N VAL C 243 19.13 5.18 -11.34
CA VAL C 243 18.03 5.26 -10.38
C VAL C 243 18.28 4.45 -9.12
N LYS C 244 17.53 4.77 -8.08
CA LYS C 244 17.62 4.05 -6.82
C LYS C 244 16.40 3.14 -6.77
N TYR C 245 16.63 1.84 -6.59
CA TYR C 245 15.53 0.89 -6.54
C TYR C 245 15.78 -0.23 -5.55
N LEU C 246 14.89 -0.35 -4.57
CA LEU C 246 14.99 -1.38 -3.56
C LEU C 246 16.34 -1.38 -2.85
N GLY C 247 16.84 -0.19 -2.52
CA GLY C 247 18.11 -0.08 -1.83
C GLY C 247 19.33 -0.18 -2.73
N TYR C 248 19.12 -0.42 -4.02
CA TYR C 248 20.23 -0.51 -4.96
C TYR C 248 20.34 0.75 -5.82
N LEU C 249 21.52 0.97 -6.37
CA LEU C 249 21.73 2.09 -7.26
C LEU C 249 21.95 1.45 -8.63
N LEU C 250 20.96 1.58 -9.51
CA LEU C 250 21.07 1.00 -10.85
C LEU C 250 21.81 1.98 -11.74
N LYS C 251 22.96 1.54 -12.26
CA LYS C 251 23.78 2.37 -13.13
C LYS C 251 24.66 1.52 -14.02
N GLU C 252 24.73 1.87 -15.29
CA GLU C 252 25.54 1.14 -16.26
C GLU C 252 25.20 -0.35 -16.26
N GLY C 253 23.94 -0.66 -15.95
CA GLY C 253 23.51 -2.03 -15.94
C GLY C 253 24.06 -2.84 -14.77
N GLN C 254 24.72 -2.17 -13.84
CA GLN C 254 25.28 -2.85 -12.69
C GLN C 254 24.26 -3.05 -11.58
N ARG C 255 24.14 -4.30 -11.13
CA ARG C 255 23.22 -4.72 -10.08
C ARG C 255 21.87 -5.18 -10.62
N1 HXL D . 13.81 -11.03 16.60
N2 HXL D . 13.29 -9.25 15.25
C1 HXL D . 14.18 -9.87 16.03
C2 HXL D . 15.57 -9.26 16.24
C3 HXL D . 16.07 -8.97 17.67
C4 HXL D . 17.46 -8.36 17.91
N3 HXL D . 18.04 -8.05 19.03
C5 HXL D . 19.29 -7.53 18.76
N4 HXL D . 19.54 -7.49 17.40
C6 HXL D . 18.39 -8.01 16.77
C7 HXL D . 17.94 -8.29 15.31
C8 HXL D . 16.53 -8.92 15.04
C9 HXL D . 20.29 -7.03 19.90
C10 HXL D . 19.83 -7.16 21.31
C11 HXL D . 20.67 -6.73 22.49
C12 HXL D . 22.09 -6.13 22.29
C13 HXL D . 22.59 -5.99 20.81
C14 HXL D . 21.68 -6.45 19.61
O1 HXL D . 22.97 -5.69 23.42
C15 HXL D . 23.00 -5.79 24.91
C16 HXL D . 22.59 -7.02 25.72
C17 HXL D . 22.66 -7.07 27.23
C18 HXL D . 23.14 -5.89 28.06
C19 HXL D . 23.57 -4.59 27.26
C20 HXL D . 23.50 -4.55 25.70
C21 HXL D . 23.17 -6.00 29.60
N5 HXL D . 22.68 -7.09 30.25
N6 HXL D . 23.70 -5.02 30.33
#